data_9FPR
#
_entry.id   9FPR
#
_cell.length_a   42.332
_cell.length_b   41.317
_cell.length_c   72.050
_cell.angle_alpha   90.000
_cell.angle_beta   104.510
_cell.angle_gamma   90.000
#
_symmetry.space_group_name_H-M   'P 1 21 1'
#
loop_
_entity.id
_entity.type
_entity.pdbx_description
1 polymer 'Carbonic anhydrase 2'
2 non-polymer 'ZINC ION'
3 non-polymer 'methyl 4-(2-phenylethylsulfanyl)-3-sulfamoyl-benzoate'
4 non-polymer 'DIMETHYL SULFOXIDE'
5 water water
#
_entity_poly.entity_id   1
_entity_poly.type   'polypeptide(L)'
_entity_poly.pdbx_seq_one_letter_code
;MSHHWGYGKHNGPEHWHKDFPIAKGERQSPVDIDTHTAKYDPSLKPLSVSYDQATSLRILNNGHAFNVEFDDSQDKAVLK
GGPLDGTYRLIQFHFHWGSLDGQGSEHTVDKKKYAAELHLVHWNTKYGDFGKAVQQPDGLAVLGIFLKVGSAKPGLQKVV
DVLDSIKTKGKSADFTNFDPRGLLPESLDYWTYPGSLTTPPLLECVTWIVLKEPISVSSEQVLKFRKLNFNGEGEPEELM
VDNWRPAQPLKNRQIKASFK
;
_entity_poly.pdbx_strand_id   A
#
loop_
_chem_comp.id
_chem_comp.type
_chem_comp.name
_chem_comp.formula
A1IEN non-polymer 'methyl 4-(2-phenylethylsulfanyl)-3-sulfamoyl-benzoate' 'C16 H17 N O4 S2'
DMS non-polymer 'DIMETHYL SULFOXIDE' 'C2 H6 O S'
ZN non-polymer 'ZINC ION' 'Zn 2'
#
# COMPACT_ATOMS: atom_id res chain seq x y z
N HIS A 4 -10.16 -17.82 3.09
CA HIS A 4 -9.74 -18.38 4.42
C HIS A 4 -9.05 -17.31 5.27
N TRP A 5 -7.87 -16.84 4.82
CA TRP A 5 -7.08 -15.85 5.56
C TRP A 5 -7.79 -14.52 5.55
N GLY A 6 -7.59 -13.80 6.64
CA GLY A 6 -8.17 -12.47 6.70
C GLY A 6 -7.56 -11.69 7.87
N TYR A 7 -8.41 -10.91 8.55
CA TYR A 7 -7.98 -10.03 9.62
C TYR A 7 -9.02 -10.13 10.73
N GLY A 8 -9.70 -11.27 10.76
CA GLY A 8 -10.78 -11.47 11.75
C GLY A 8 -10.20 -11.98 13.06
N LYS A 9 -11.09 -12.53 13.93
CA LYS A 9 -10.64 -12.96 15.24
C LYS A 9 -9.85 -14.28 15.19
N HIS A 10 -9.94 -15.07 14.09
CA HIS A 10 -9.48 -16.45 13.98
C HIS A 10 -8.65 -16.73 12.72
N ASN A 11 -8.48 -15.73 11.83
CA ASN A 11 -7.81 -16.01 10.58
C ASN A 11 -6.81 -14.89 10.26
N GLY A 12 -6.42 -14.14 11.31
CA GLY A 12 -5.62 -12.95 11.10
C GLY A 12 -4.15 -13.23 10.89
N PRO A 13 -3.32 -12.17 10.86
CA PRO A 13 -1.90 -12.31 10.54
C PRO A 13 -1.12 -13.39 11.28
N GLU A 14 -1.44 -13.61 12.57
CA GLU A 14 -0.70 -14.61 13.34
C GLU A 14 -0.99 -16.04 12.88
N HIS A 15 -1.99 -16.24 12.01
CA HIS A 15 -2.34 -17.57 11.50
C HIS A 15 -1.74 -17.84 10.10
N TRP A 16 -1.27 -16.79 9.43
CA TRP A 16 -1.02 -16.88 7.99
C TRP A 16 0.08 -17.90 7.69
N HIS A 17 1.05 -18.03 8.62
CA HIS A 17 2.20 -18.87 8.44
C HIS A 17 1.79 -20.33 8.15
N LYS A 18 0.63 -20.74 8.64
CA LYS A 18 0.18 -22.11 8.43
C LYS A 18 -0.10 -22.43 6.96
N ASP A 19 -0.67 -21.48 6.19
CA ASP A 19 -0.82 -21.72 4.76
C ASP A 19 0.32 -21.13 3.91
N PHE A 20 1.00 -20.11 4.46
CA PHE A 20 2.07 -19.43 3.75
C PHE A 20 3.33 -19.36 4.63
N PRO A 21 4.12 -20.46 4.71
N PRO A 21 4.15 -20.43 4.71
CA PRO A 21 5.33 -20.53 5.56
CA PRO A 21 5.25 -20.43 5.69
C PRO A 21 6.37 -19.42 5.42
C PRO A 21 6.20 -19.26 5.53
N ILE A 22 6.33 -18.71 4.29
CA ILE A 22 7.17 -17.54 4.04
C ILE A 22 6.78 -16.39 4.97
N ALA A 23 5.61 -16.47 5.62
CA ALA A 23 5.25 -15.44 6.60
C ALA A 23 6.36 -15.27 7.66
N LYS A 24 7.15 -16.32 7.94
CA LYS A 24 8.25 -16.23 8.90
C LYS A 24 9.61 -16.13 8.21
N GLY A 25 9.60 -15.58 6.98
CA GLY A 25 10.82 -15.51 6.20
C GLY A 25 11.79 -14.41 6.63
N GLU A 26 12.82 -14.24 5.79
CA GLU A 26 13.95 -13.35 6.08
C GLU A 26 13.72 -11.91 5.66
N ARG A 27 12.69 -11.67 4.84
CA ARG A 27 12.54 -10.29 4.32
C ARG A 27 11.05 -9.92 4.27
N GLN A 28 10.37 -10.10 5.43
CA GLN A 28 8.93 -9.84 5.53
C GLN A 28 8.61 -8.36 5.78
N SER A 29 7.42 -7.98 5.30
CA SER A 29 6.95 -6.62 5.49
C SER A 29 5.58 -6.63 6.15
N PRO A 30 5.14 -5.53 6.81
CA PRO A 30 5.89 -4.28 6.96
C PRO A 30 6.90 -4.39 8.08
N VAL A 31 7.60 -3.30 8.40
CA VAL A 31 8.59 -3.22 9.46
C VAL A 31 8.44 -1.88 10.15
N ASP A 32 8.90 -1.79 11.39
CA ASP A 32 9.03 -0.50 12.02
C ASP A 32 10.27 0.18 11.41
N ILE A 33 10.14 1.48 11.14
CA ILE A 33 11.25 2.28 10.65
C ILE A 33 11.78 3.04 11.86
N ASP A 34 12.97 2.64 12.28
CA ASP A 34 13.68 3.29 13.39
C ASP A 34 14.43 4.44 12.72
N THR A 35 13.91 5.64 12.90
CA THR A 35 14.42 6.77 12.13
C THR A 35 15.85 7.11 12.53
N HIS A 36 16.23 6.81 13.77
CA HIS A 36 17.58 7.04 14.26
C HIS A 36 18.62 6.11 13.61
N THR A 37 18.21 4.87 13.28
CA THR A 37 19.14 3.91 12.70
C THR A 37 19.13 3.81 11.18
N ALA A 38 18.07 4.31 10.54
CA ALA A 38 18.06 4.39 9.09
C ALA A 38 19.20 5.28 8.65
N LYS A 39 20.01 4.79 7.73
CA LYS A 39 21.14 5.60 7.32
C LYS A 39 20.88 6.37 6.03
N TYR A 40 21.27 7.63 6.08
CA TYR A 40 21.25 8.43 4.88
C TYR A 40 22.20 7.80 3.88
N ASP A 41 21.70 7.66 2.65
CA ASP A 41 22.47 7.05 1.56
C ASP A 41 22.62 8.05 0.42
N PRO A 42 23.79 8.73 0.34
CA PRO A 42 23.99 9.76 -0.69
C PRO A 42 23.92 9.22 -2.11
N SER A 43 24.02 7.89 -2.25
CA SER A 43 23.94 7.29 -3.58
C SER A 43 22.49 7.04 -4.03
N LEU A 44 21.49 7.23 -3.15
CA LEU A 44 20.11 7.13 -3.58
C LEU A 44 19.75 8.30 -4.47
N LYS A 45 18.94 8.02 -5.52
CA LYS A 45 18.49 9.11 -6.37
C LYS A 45 17.13 9.64 -5.94
N PRO A 46 16.77 10.86 -6.41
CA PRO A 46 15.40 11.31 -6.19
C PRO A 46 14.50 10.28 -6.87
N LEU A 47 13.32 10.08 -6.30
CA LEU A 47 12.35 9.20 -6.91
C LEU A 47 11.73 9.92 -8.12
N SER A 48 11.48 9.16 -9.19
CA SER A 48 10.77 9.71 -10.34
C SER A 48 9.39 9.06 -10.42
N VAL A 49 8.34 9.81 -10.15
CA VAL A 49 6.97 9.31 -10.18
C VAL A 49 6.32 9.95 -11.39
N SER A 50 6.04 9.16 -12.43
CA SER A 50 5.51 9.74 -13.67
C SER A 50 4.09 9.25 -13.89
N TYR A 51 3.11 9.96 -13.37
CA TYR A 51 1.73 9.55 -13.39
C TYR A 51 0.86 10.39 -14.33
N ASP A 52 1.46 11.26 -15.16
N ASP A 52 1.45 11.33 -15.08
CA ASP A 52 0.77 12.17 -16.08
CA ASP A 52 0.67 12.14 -16.01
C ASP A 52 -0.13 11.47 -17.11
C ASP A 52 -0.31 11.32 -16.86
N GLN A 53 0.19 10.22 -17.45
CA GLN A 53 -0.58 9.41 -18.41
C GLN A 53 -1.30 8.22 -17.76
N ALA A 54 -1.43 8.22 -16.44
CA ALA A 54 -2.06 7.08 -15.80
C ALA A 54 -3.50 6.91 -16.31
N THR A 55 -3.95 5.66 -16.46
CA THR A 55 -5.28 5.34 -16.92
C THR A 55 -5.98 4.42 -15.91
N SER A 56 -6.74 5.00 -14.99
CA SER A 56 -7.48 4.15 -14.05
C SER A 56 -8.64 3.47 -14.80
N LEU A 57 -9.08 2.30 -14.32
CA LEU A 57 -10.16 1.61 -15.02
C LEU A 57 -11.34 1.29 -14.10
N ARG A 58 -11.05 0.81 -12.88
CA ARG A 58 -12.09 0.11 -12.14
C ARG A 58 -11.68 0.13 -10.67
N ILE A 59 -12.68 0.04 -9.80
CA ILE A 59 -12.39 -0.13 -8.40
C ILE A 59 -13.11 -1.38 -7.92
N LEU A 60 -12.39 -2.20 -7.11
CA LEU A 60 -12.86 -3.53 -6.73
C LEU A 60 -12.75 -3.67 -5.19
N ASN A 61 -13.83 -4.14 -4.55
CA ASN A 61 -13.75 -4.59 -3.17
C ASN A 61 -13.22 -6.02 -3.24
N ASN A 62 -11.96 -6.21 -2.81
CA ASN A 62 -11.27 -7.48 -3.06
C ASN A 62 -11.53 -8.44 -1.90
N GLY A 63 -12.33 -7.99 -0.89
CA GLY A 63 -12.70 -8.79 0.27
C GLY A 63 -11.83 -8.39 1.46
N HIS A 64 -10.69 -7.71 1.25
CA HIS A 64 -9.74 -7.34 2.29
C HIS A 64 -9.56 -5.82 2.33
N ALA A 65 -9.48 -5.22 1.15
CA ALA A 65 -9.40 -3.77 0.94
C ALA A 65 -10.13 -3.50 -0.40
N PHE A 66 -9.87 -2.31 -0.94
CA PHE A 66 -10.34 -2.09 -2.31
C PHE A 66 -9.13 -1.70 -3.16
N ASN A 67 -9.13 -2.25 -4.40
CA ASN A 67 -8.09 -1.94 -5.37
C ASN A 67 -8.64 -0.98 -6.43
N VAL A 68 -7.89 0.14 -6.61
CA VAL A 68 -8.12 0.98 -7.81
C VAL A 68 -7.14 0.51 -8.87
N GLU A 69 -7.69 0.02 -9.99
CA GLU A 69 -6.88 -0.70 -10.98
C GLU A 69 -6.58 0.24 -12.13
N PHE A 70 -5.39 0.05 -12.69
CA PHE A 70 -4.89 0.85 -13.80
C PHE A 70 -4.63 -0.03 -15.01
N ASP A 71 -4.75 0.58 -16.19
CA ASP A 71 -4.32 -0.10 -17.40
C ASP A 71 -2.78 -0.12 -17.44
N ASP A 72 -2.16 -1.30 -17.33
CA ASP A 72 -0.71 -1.42 -17.29
C ASP A 72 -0.26 -2.19 -18.53
N SER A 73 -1.00 -2.07 -19.66
CA SER A 73 -0.69 -2.75 -20.92
C SER A 73 0.28 -1.90 -21.78
N GLN A 74 0.58 -0.69 -21.34
CA GLN A 74 1.53 0.19 -22.03
C GLN A 74 2.30 0.93 -20.95
N ASP A 75 3.46 1.53 -21.29
CA ASP A 75 4.22 2.32 -20.33
C ASP A 75 3.53 3.67 -20.13
N LYS A 76 2.65 3.71 -19.14
CA LYS A 76 1.86 4.89 -18.89
C LYS A 76 2.32 5.53 -17.57
N ALA A 77 1.96 4.89 -16.48
CA ALA A 77 2.21 5.41 -15.13
C ALA A 77 3.39 4.65 -14.55
N VAL A 78 4.56 5.26 -14.44
CA VAL A 78 5.76 4.51 -14.01
C VAL A 78 6.50 5.20 -12.86
N LEU A 79 7.11 4.33 -12.06
CA LEU A 79 8.01 4.70 -11.00
C LEU A 79 9.41 4.25 -11.41
N LYS A 80 10.39 5.13 -11.28
CA LYS A 80 11.78 4.82 -11.54
C LYS A 80 12.64 5.71 -10.63
N GLY A 81 13.95 5.51 -10.71
CA GLY A 81 14.84 6.31 -9.90
C GLY A 81 14.73 5.84 -8.47
N GLY A 82 15.08 6.74 -7.55
CA GLY A 82 15.19 6.35 -6.15
C GLY A 82 16.18 5.19 -6.01
N PRO A 83 15.81 4.07 -5.34
CA PRO A 83 16.73 2.94 -5.22
C PRO A 83 16.62 1.96 -6.39
N LEU A 84 15.72 2.24 -7.35
CA LEU A 84 15.37 1.26 -8.37
C LEU A 84 16.29 1.32 -9.59
N ASP A 85 16.43 0.16 -10.23
CA ASP A 85 17.03 0.00 -11.55
C ASP A 85 15.88 -0.29 -12.50
N GLY A 86 15.85 0.36 -13.65
CA GLY A 86 14.77 0.15 -14.59
C GLY A 86 13.44 0.80 -14.14
N THR A 87 12.39 0.28 -14.75
CA THR A 87 11.12 0.95 -14.86
C THR A 87 10.06 0.05 -14.27
N TYR A 88 9.22 0.61 -13.39
CA TYR A 88 8.17 -0.15 -12.73
C TYR A 88 6.81 0.45 -13.09
N ARG A 89 5.87 -0.34 -13.55
CA ARG A 89 4.59 0.11 -14.07
C ARG A 89 3.52 0.01 -12.98
N LEU A 90 2.74 1.08 -12.81
CA LEU A 90 1.69 1.02 -11.79
C LEU A 90 0.60 0.06 -12.27
N ILE A 91 0.20 -0.86 -11.39
CA ILE A 91 -0.90 -1.79 -11.64
C ILE A 91 -2.15 -1.51 -10.81
N GLN A 92 -1.97 -1.10 -9.54
CA GLN A 92 -3.14 -0.82 -8.73
C GLN A 92 -2.67 -0.07 -7.49
N PHE A 93 -3.61 0.63 -6.81
CA PHE A 93 -3.28 1.02 -5.46
C PHE A 93 -4.42 0.57 -4.54
N HIS A 94 -4.08 0.55 -3.24
CA HIS A 94 -5.09 0.19 -2.24
C HIS A 94 -4.62 0.87 -0.95
N PHE A 95 -5.43 0.72 0.11
CA PHE A 95 -5.04 1.22 1.43
C PHE A 95 -5.18 0.11 2.48
N HIS A 96 -4.56 0.42 3.64
CA HIS A 96 -4.85 -0.32 4.87
C HIS A 96 -5.27 0.70 5.93
N TRP A 97 -6.26 0.34 6.78
CA TRP A 97 -6.71 1.35 7.72
C TRP A 97 -7.20 0.67 8.99
N GLY A 98 -7.46 1.53 10.00
CA GLY A 98 -7.84 1.03 11.31
C GLY A 98 -9.32 1.15 11.62
N SER A 99 -9.70 0.65 12.81
CA SER A 99 -11.05 0.87 13.34
C SER A 99 -11.11 2.22 14.09
N LEU A 100 -9.95 2.79 14.40
CA LEU A 100 -9.82 4.03 15.13
C LEU A 100 -8.65 4.78 14.50
N ASP A 101 -8.60 6.12 14.66
CA ASP A 101 -7.50 6.85 14.05
C ASP A 101 -6.12 6.45 14.57
N GLY A 102 -6.02 5.87 15.80
CA GLY A 102 -4.70 5.60 16.33
C GLY A 102 -4.03 4.35 15.77
N GLN A 103 -4.63 3.69 14.75
CA GLN A 103 -3.98 2.52 14.22
C GLN A 103 -4.44 2.40 12.76
N GLY A 104 -3.75 1.57 11.96
CA GLY A 104 -4.19 1.37 10.57
C GLY A 104 -2.99 1.25 9.64
N SER A 105 -1.87 1.95 9.93
CA SER A 105 -0.76 1.80 9.01
C SER A 105 -0.11 0.42 9.22
N GLU A 106 0.63 -0.04 8.22
CA GLU A 106 1.39 -1.27 8.28
C GLU A 106 2.80 -0.94 8.72
N HIS A 107 3.50 -0.08 7.96
CA HIS A 107 4.77 0.44 8.46
C HIS A 107 4.47 1.32 9.68
N THR A 108 5.46 1.37 10.56
CA THR A 108 5.39 2.30 11.68
C THR A 108 6.69 3.12 11.64
N VAL A 109 6.66 4.29 12.33
CA VAL A 109 7.83 5.16 12.34
C VAL A 109 8.20 5.39 13.81
N ASP A 110 9.36 4.88 14.27
CA ASP A 110 9.61 4.90 15.72
C ASP A 110 8.39 4.39 16.47
N LYS A 111 7.77 3.30 15.99
CA LYS A 111 6.62 2.67 16.64
C LYS A 111 5.32 3.47 16.49
N LYS A 112 5.37 4.70 15.90
CA LYS A 112 4.14 5.43 15.64
C LYS A 112 3.31 4.72 14.56
N LYS A 113 2.06 4.42 14.86
N LYS A 113 2.02 4.56 14.83
CA LYS A 113 1.08 4.01 13.85
CA LYS A 113 1.01 4.02 13.91
C LYS A 113 0.32 5.22 13.33
C LYS A 113 0.14 5.13 13.32
N TYR A 114 0.19 5.28 12.00
CA TYR A 114 -0.73 6.21 11.35
C TYR A 114 -2.14 5.64 11.18
N ALA A 115 -3.09 6.52 10.82
CA ALA A 115 -4.48 6.12 10.66
C ALA A 115 -4.65 5.14 9.49
N ALA A 116 -3.81 5.29 8.47
CA ALA A 116 -3.96 4.43 7.31
C ALA A 116 -2.66 4.56 6.52
N GLU A 117 -2.56 3.70 5.51
CA GLU A 117 -1.39 3.69 4.61
C GLU A 117 -1.81 3.26 3.20
N LEU A 118 -1.43 4.13 2.26
CA LEU A 118 -1.67 3.91 0.84
C LEU A 118 -0.47 3.19 0.21
N HIS A 119 -0.80 2.12 -0.58
CA HIS A 119 0.23 1.40 -1.32
C HIS A 119 -0.04 1.47 -2.83
N LEU A 120 0.91 2.11 -3.55
CA LEU A 120 0.87 2.10 -5.00
C LEU A 120 1.78 0.99 -5.47
N VAL A 121 1.16 -0.04 -6.10
CA VAL A 121 1.93 -1.23 -6.47
C VAL A 121 2.38 -1.17 -7.94
N HIS A 122 3.70 -1.36 -8.14
CA HIS A 122 4.26 -1.32 -9.50
C HIS A 122 5.08 -2.57 -9.75
N TRP A 123 5.10 -3.01 -11.02
CA TRP A 123 5.88 -4.21 -11.34
C TRP A 123 6.98 -3.87 -12.37
N ASN A 124 8.11 -4.55 -12.22
CA ASN A 124 9.30 -4.32 -13.03
C ASN A 124 9.05 -4.80 -14.46
N THR A 125 9.12 -3.89 -15.45
CA THR A 125 8.77 -4.21 -16.83
C THR A 125 9.73 -5.26 -17.40
N LYS A 126 11.00 -5.38 -16.74
CA LYS A 126 11.90 -6.40 -17.34
C LYS A 126 11.31 -7.82 -17.27
N TYR A 127 10.29 -8.06 -16.42
CA TYR A 127 9.66 -9.37 -16.25
C TYR A 127 8.36 -9.52 -17.05
N GLY A 128 7.96 -8.50 -17.85
CA GLY A 128 6.90 -8.70 -18.82
C GLY A 128 5.49 -8.66 -18.27
N ASP A 129 5.22 -9.31 -17.10
CA ASP A 129 3.91 -9.11 -16.50
C ASP A 129 4.03 -9.24 -14.99
N PHE A 130 2.93 -8.88 -14.32
CA PHE A 130 2.90 -8.87 -12.86
C PHE A 130 3.11 -10.28 -12.30
N GLY A 131 2.47 -11.29 -12.92
CA GLY A 131 2.57 -12.65 -12.38
C GLY A 131 4.02 -13.18 -12.40
N LYS A 132 4.77 -12.84 -13.45
CA LYS A 132 6.18 -13.20 -13.48
C LYS A 132 6.99 -12.34 -12.51
N ALA A 133 6.65 -11.04 -12.45
CA ALA A 133 7.42 -10.15 -11.57
C ALA A 133 7.39 -10.57 -10.07
N VAL A 134 6.26 -11.06 -9.55
CA VAL A 134 6.17 -11.39 -8.12
C VAL A 134 7.04 -12.60 -7.80
N GLN A 135 7.54 -13.29 -8.85
CA GLN A 135 8.43 -14.44 -8.61
C GLN A 135 9.89 -14.02 -8.49
N GLN A 136 10.14 -12.70 -8.53
CA GLN A 136 11.51 -12.20 -8.60
C GLN A 136 11.81 -11.30 -7.41
N PRO A 137 13.07 -11.31 -6.92
CA PRO A 137 13.38 -10.54 -5.71
C PRO A 137 13.27 -9.03 -5.95
N ASP A 138 13.41 -8.63 -7.22
CA ASP A 138 13.29 -7.22 -7.59
C ASP A 138 12.06 -7.03 -8.49
N GLY A 139 10.98 -7.79 -8.29
CA GLY A 139 9.85 -7.79 -9.20
C GLY A 139 8.94 -6.59 -9.02
N LEU A 140 8.76 -6.13 -7.75
CA LEU A 140 7.76 -5.09 -7.47
C LEU A 140 8.44 -3.94 -6.73
N ALA A 141 7.85 -2.75 -6.95
CA ALA A 141 8.21 -1.59 -6.11
C ALA A 141 6.87 -1.07 -5.61
N VAL A 142 6.75 -0.99 -4.27
CA VAL A 142 5.53 -0.43 -3.67
C VAL A 142 5.88 0.88 -3.00
N LEU A 143 5.15 1.92 -3.44
CA LEU A 143 5.32 3.23 -2.83
C LEU A 143 4.26 3.35 -1.75
N GLY A 144 4.74 3.53 -0.51
CA GLY A 144 3.88 3.58 0.66
C GLY A 144 3.74 5.02 1.16
N ILE A 145 2.52 5.43 1.44
CA ILE A 145 2.32 6.82 1.86
C ILE A 145 1.44 6.72 3.11
N PHE A 146 1.84 7.43 4.16
CA PHE A 146 1.04 7.41 5.39
C PHE A 146 -0.13 8.37 5.29
N LEU A 147 -1.22 8.08 5.97
CA LEU A 147 -2.35 8.99 6.12
C LEU A 147 -2.53 9.33 7.59
N LYS A 148 -2.64 10.65 7.89
CA LYS A 148 -3.08 11.11 9.18
C LYS A 148 -4.41 11.83 9.01
N VAL A 149 -5.16 11.91 10.11
CA VAL A 149 -6.47 12.53 10.09
C VAL A 149 -6.32 14.01 10.46
N GLY A 150 -6.80 14.88 9.57
CA GLY A 150 -6.76 16.31 9.82
C GLY A 150 -7.61 16.96 8.75
N SER A 151 -6.99 17.82 7.91
N SER A 151 -6.95 17.77 7.89
CA SER A 151 -7.71 18.42 6.80
CA SER A 151 -7.62 18.37 6.74
C SER A 151 -7.99 17.37 5.72
C SER A 151 -8.00 17.31 5.71
N ALA A 152 -9.11 17.57 5.00
CA ALA A 152 -9.50 16.68 3.93
C ALA A 152 -8.42 16.68 2.81
N LYS A 153 -8.27 15.52 2.13
CA LYS A 153 -7.47 15.42 0.92
C LYS A 153 -8.38 15.49 -0.29
N PRO A 154 -8.43 16.63 -1.01
CA PRO A 154 -9.43 16.78 -2.08
C PRO A 154 -9.35 15.67 -3.14
N GLY A 155 -8.12 15.25 -3.42
CA GLY A 155 -7.84 14.30 -4.49
C GLY A 155 -8.23 12.87 -4.09
N LEU A 156 -8.59 12.64 -2.82
CA LEU A 156 -9.12 11.36 -2.37
C LEU A 156 -10.64 11.27 -2.50
N GLN A 157 -11.34 12.42 -2.56
CA GLN A 157 -12.81 12.41 -2.50
C GLN A 157 -13.46 11.54 -3.57
N LYS A 158 -12.91 11.53 -4.80
CA LYS A 158 -13.54 10.68 -5.83
C LYS A 158 -13.53 9.17 -5.44
N VAL A 159 -12.47 8.75 -4.75
CA VAL A 159 -12.40 7.40 -4.21
C VAL A 159 -13.45 7.22 -3.11
N VAL A 160 -13.49 8.15 -2.13
CA VAL A 160 -14.41 8.00 -1.01
C VAL A 160 -15.86 7.88 -1.52
N ASP A 161 -16.18 8.71 -2.50
CA ASP A 161 -17.57 8.78 -2.92
C ASP A 161 -18.05 7.53 -3.67
N VAL A 162 -17.15 6.73 -4.27
CA VAL A 162 -17.60 5.54 -5.00
C VAL A 162 -17.73 4.33 -4.07
N LEU A 163 -17.22 4.44 -2.81
CA LEU A 163 -17.21 3.30 -1.91
C LEU A 163 -18.60 2.72 -1.63
N ASP A 164 -19.62 3.57 -1.46
CA ASP A 164 -20.97 3.02 -1.25
C ASP A 164 -21.40 2.10 -2.41
N SER A 165 -20.78 2.19 -3.59
CA SER A 165 -21.21 1.32 -4.68
C SER A 165 -20.47 -0.02 -4.71
N ILE A 166 -19.41 -0.13 -3.88
CA ILE A 166 -18.67 -1.39 -3.78
C ILE A 166 -18.59 -1.87 -2.32
N LYS A 167 -19.71 -1.80 -1.61
CA LYS A 167 -19.67 -2.01 -0.16
C LYS A 167 -19.14 -3.41 0.18
N THR A 168 -19.56 -4.45 -0.57
CA THR A 168 -19.30 -5.83 -0.17
C THR A 168 -18.31 -6.50 -1.11
N LYS A 169 -17.74 -7.58 -0.61
CA LYS A 169 -16.72 -8.33 -1.28
C LYS A 169 -17.20 -8.74 -2.67
N GLY A 170 -16.32 -8.45 -3.66
CA GLY A 170 -16.52 -8.90 -5.04
C GLY A 170 -17.31 -7.87 -5.88
N LYS A 171 -17.82 -6.79 -5.26
CA LYS A 171 -18.38 -5.69 -6.04
C LYS A 171 -17.29 -4.83 -6.68
N SER A 172 -17.58 -4.39 -7.90
CA SER A 172 -16.70 -3.48 -8.59
C SER A 172 -17.51 -2.33 -9.20
N ALA A 173 -16.79 -1.26 -9.58
CA ALA A 173 -17.44 -0.14 -10.26
C ALA A 173 -16.44 0.49 -11.24
N ASP A 174 -16.98 1.03 -12.34
CA ASP A 174 -16.16 1.76 -13.29
C ASP A 174 -15.47 2.89 -12.52
N PHE A 175 -14.18 3.12 -12.82
CA PHE A 175 -13.46 4.15 -12.09
C PHE A 175 -12.37 4.71 -12.99
N THR A 176 -12.81 5.44 -14.04
CA THR A 176 -11.89 5.95 -15.04
C THR A 176 -11.49 7.38 -14.68
N ASN A 177 -10.39 7.82 -15.27
CA ASN A 177 -9.91 9.19 -15.22
C ASN A 177 -9.57 9.63 -13.81
N PHE A 178 -9.20 8.71 -12.93
CA PHE A 178 -8.78 9.13 -11.59
C PHE A 178 -7.27 9.43 -11.63
N ASP A 179 -6.84 10.55 -11.04
CA ASP A 179 -5.46 10.97 -11.15
C ASP A 179 -4.74 10.71 -9.84
N PRO A 180 -3.84 9.69 -9.75
CA PRO A 180 -3.23 9.33 -8.48
C PRO A 180 -2.24 10.38 -7.97
N ARG A 181 -1.89 11.35 -8.83
CA ARG A 181 -1.00 12.45 -8.38
C ARG A 181 -1.66 13.20 -7.24
N GLY A 182 -3.00 13.19 -7.18
CA GLY A 182 -3.69 13.91 -6.10
C GLY A 182 -3.54 13.25 -4.73
N LEU A 183 -2.86 12.08 -4.66
CA LEU A 183 -2.70 11.39 -3.37
C LEU A 183 -1.26 11.51 -2.87
N LEU A 184 -0.43 12.32 -3.55
CA LEU A 184 0.97 12.37 -3.16
C LEU A 184 1.15 13.54 -2.18
N PRO A 185 2.12 13.47 -1.26
CA PRO A 185 2.45 14.61 -0.41
C PRO A 185 3.34 15.54 -1.21
N GLU A 186 3.74 16.66 -0.61
CA GLU A 186 4.58 17.63 -1.29
C GLU A 186 6.00 17.07 -1.52
N SER A 187 6.58 16.44 -0.50
CA SER A 187 7.96 15.95 -0.55
C SER A 187 7.99 14.48 -0.94
N LEU A 188 8.99 14.10 -1.76
CA LEU A 188 9.20 12.69 -2.08
C LEU A 188 10.41 12.10 -1.33
N ASP A 189 10.85 12.73 -0.22
CA ASP A 189 11.85 12.10 0.63
C ASP A 189 11.32 10.74 1.12
N TYR A 190 12.20 9.73 1.18
CA TYR A 190 11.70 8.39 1.47
C TYR A 190 12.73 7.58 2.25
N TRP A 191 12.20 6.48 2.81
CA TRP A 191 13.01 5.36 3.31
C TRP A 191 12.83 4.21 2.34
N THR A 192 13.84 3.34 2.26
CA THR A 192 13.70 2.18 1.39
C THR A 192 14.33 0.96 2.06
N TYR A 193 13.77 -0.23 1.76
CA TYR A 193 14.38 -1.45 2.23
C TYR A 193 13.76 -2.57 1.39
N PRO A 194 14.41 -3.77 1.36
CA PRO A 194 13.87 -4.92 0.62
C PRO A 194 12.88 -5.70 1.50
N GLY A 195 11.69 -6.02 0.94
CA GLY A 195 10.71 -6.72 1.75
C GLY A 195 9.78 -7.56 0.92
N SER A 196 8.51 -7.57 1.30
CA SER A 196 7.54 -8.54 0.82
C SER A 196 6.17 -7.92 0.57
N LEU A 197 5.29 -8.63 -0.12
CA LEU A 197 3.87 -8.34 -0.05
C LEU A 197 3.47 -8.48 1.43
N THR A 198 2.47 -7.69 1.86
CA THR A 198 1.99 -7.76 3.23
C THR A 198 0.69 -8.54 3.33
N THR A 199 0.22 -9.18 2.25
CA THR A 199 -0.88 -10.10 2.35
C THR A 199 -0.41 -11.39 1.70
N PRO A 200 -1.00 -12.56 2.02
CA PRO A 200 -0.70 -13.78 1.25
C PRO A 200 -0.81 -13.41 -0.23
N PRO A 201 0.07 -13.93 -1.11
CA PRO A 201 1.08 -14.94 -0.75
C PRO A 201 2.39 -14.52 -0.08
N LEU A 202 2.47 -13.23 0.36
CA LEU A 202 3.62 -12.80 1.16
C LEU A 202 4.98 -12.96 0.49
N LEU A 203 4.95 -12.91 -0.86
CA LEU A 203 6.17 -13.11 -1.61
C LEU A 203 7.24 -12.03 -1.40
N GLU A 204 8.48 -12.46 -1.34
CA GLU A 204 9.61 -11.62 -1.02
C GLU A 204 10.14 -10.96 -2.27
N CYS A 205 9.31 -10.11 -2.87
CA CYS A 205 9.60 -9.61 -4.22
C CYS A 205 9.49 -8.10 -4.26
N VAL A 206 9.49 -7.40 -3.11
CA VAL A 206 9.18 -5.94 -3.10
C VAL A 206 10.39 -5.12 -2.67
N THR A 207 10.69 -4.04 -3.46
CA THR A 207 11.48 -2.93 -2.99
C THR A 207 10.49 -1.92 -2.45
N TRP A 208 10.52 -1.76 -1.11
CA TRP A 208 9.62 -0.79 -0.46
C TRP A 208 10.24 0.61 -0.53
N ILE A 209 9.39 1.59 -0.87
CA ILE A 209 9.79 2.99 -0.82
C ILE A 209 8.70 3.68 -0.02
N VAL A 210 9.03 4.13 1.21
CA VAL A 210 8.00 4.69 2.09
C VAL A 210 8.27 6.17 2.27
N LEU A 211 7.31 7.01 1.88
CA LEU A 211 7.54 8.45 1.93
C LEU A 211 7.47 8.90 3.39
N LYS A 212 8.38 9.83 3.71
CA LYS A 212 8.43 10.36 5.08
C LYS A 212 7.22 11.23 5.37
N GLU A 213 6.78 12.03 4.41
CA GLU A 213 5.72 13.02 4.70
C GLU A 213 4.36 12.33 4.51
N PRO A 214 3.51 12.28 5.53
CA PRO A 214 2.16 11.74 5.38
C PRO A 214 1.27 12.72 4.67
N ILE A 215 0.17 12.20 4.11
CA ILE A 215 -0.87 13.05 3.60
C ILE A 215 -1.93 13.19 4.70
N SER A 216 -2.65 14.32 4.69
CA SER A 216 -3.76 14.49 5.61
C SER A 216 -5.06 14.16 4.88
N VAL A 217 -5.92 13.38 5.56
CA VAL A 217 -7.27 13.12 5.12
C VAL A 217 -8.22 13.51 6.23
N SER A 218 -9.49 13.74 5.89
CA SER A 218 -10.38 14.17 6.98
C SER A 218 -10.95 12.96 7.73
N SER A 219 -11.44 13.24 8.93
N SER A 219 -11.44 13.24 8.93
CA SER A 219 -12.09 12.20 9.70
CA SER A 219 -12.08 12.19 9.70
C SER A 219 -13.24 11.58 8.90
C SER A 219 -13.26 11.60 8.92
N GLU A 220 -13.99 12.43 8.17
CA GLU A 220 -15.12 11.97 7.37
C GLU A 220 -14.66 11.03 6.26
N GLN A 221 -13.52 11.35 5.64
CA GLN A 221 -13.04 10.50 4.57
C GLN A 221 -12.69 9.11 5.12
N VAL A 222 -11.95 9.05 6.23
CA VAL A 222 -11.53 7.72 6.72
C VAL A 222 -12.76 7.02 7.32
N LEU A 223 -13.73 7.76 7.90
CA LEU A 223 -14.97 7.12 8.34
C LEU A 223 -15.67 6.35 7.24
N LYS A 224 -15.61 6.85 6.00
CA LYS A 224 -16.23 6.20 4.85
C LYS A 224 -15.46 4.92 4.50
N PHE A 225 -14.13 4.91 4.63
CA PHE A 225 -13.40 3.62 4.47
C PHE A 225 -13.95 2.55 5.38
N ARG A 226 -14.26 2.97 6.62
CA ARG A 226 -14.65 2.04 7.69
C ARG A 226 -16.09 1.58 7.52
N LYS A 227 -16.84 2.04 6.51
CA LYS A 227 -18.20 1.57 6.25
C LYS A 227 -18.18 0.43 5.24
N LEU A 228 -17.01 0.17 4.63
CA LEU A 228 -16.93 -0.97 3.73
C LEU A 228 -17.09 -2.27 4.52
N ASN A 229 -17.31 -3.36 3.80
CA ASN A 229 -17.55 -4.66 4.41
C ASN A 229 -16.54 -5.69 3.89
N PHE A 230 -16.00 -6.54 4.77
CA PHE A 230 -15.28 -7.74 4.30
C PHE A 230 -16.21 -8.81 3.75
N ASN A 231 -17.44 -8.87 4.25
CA ASN A 231 -18.40 -9.90 3.83
C ASN A 231 -18.94 -9.60 2.43
N GLY A 232 -19.49 -10.63 1.80
CA GLY A 232 -20.28 -10.46 0.57
C GLY A 232 -21.70 -9.95 0.84
N GLU A 233 -22.40 -9.57 -0.23
CA GLU A 233 -23.79 -9.16 -0.19
C GLU A 233 -24.63 -10.27 0.43
N GLY A 234 -25.58 -9.86 1.25
CA GLY A 234 -26.50 -10.79 1.89
C GLY A 234 -25.91 -11.63 3.01
N GLU A 235 -24.67 -11.32 3.42
CA GLU A 235 -24.04 -11.95 4.57
C GLU A 235 -24.00 -10.97 5.72
N PRO A 236 -23.91 -11.48 6.95
CA PRO A 236 -23.82 -10.61 8.12
C PRO A 236 -22.63 -9.66 8.02
N GLU A 237 -22.86 -8.44 8.53
CA GLU A 237 -21.94 -7.35 8.27
C GLU A 237 -20.68 -7.55 9.10
N GLU A 238 -19.53 -7.51 8.43
CA GLU A 238 -18.20 -7.46 9.03
C GLU A 238 -17.58 -6.18 8.54
N LEU A 239 -17.53 -5.15 9.38
CA LEU A 239 -16.98 -3.91 8.87
C LEU A 239 -15.54 -4.13 8.45
N MET A 240 -15.17 -3.55 7.30
CA MET A 240 -13.82 -3.62 6.81
C MET A 240 -12.97 -2.59 7.53
N VAL A 241 -12.31 -3.06 8.60
CA VAL A 241 -11.44 -2.23 9.43
C VAL A 241 -10.27 -3.08 9.92
N ASP A 242 -9.15 -2.44 10.27
CA ASP A 242 -8.00 -3.13 10.82
C ASP A 242 -7.52 -4.22 9.84
N ASN A 243 -7.38 -3.84 8.56
CA ASN A 243 -6.89 -4.74 7.53
C ASN A 243 -5.40 -4.47 7.32
N TRP A 244 -4.62 -4.38 8.40
CA TRP A 244 -3.19 -4.13 8.42
C TRP A 244 -2.46 -5.29 9.05
N ARG A 245 -1.32 -5.67 8.47
CA ARG A 245 -0.42 -6.61 9.10
C ARG A 245 0.52 -5.83 10.02
N PRO A 246 0.77 -6.30 11.26
CA PRO A 246 1.76 -5.69 12.13
C PRO A 246 3.20 -5.76 11.63
N ALA A 247 4.04 -4.92 12.22
CA ALA A 247 5.48 -4.91 11.94
C ALA A 247 6.06 -6.30 12.17
N GLN A 248 6.96 -6.68 11.26
CA GLN A 248 7.62 -7.99 11.25
C GLN A 248 9.09 -7.79 11.56
N PRO A 249 9.82 -8.87 11.95
CA PRO A 249 11.21 -8.70 12.33
C PRO A 249 12.09 -8.16 11.19
N LEU A 250 12.94 -7.17 11.48
CA LEU A 250 13.78 -6.57 10.44
C LEU A 250 14.85 -7.59 10.00
N LYS A 251 15.33 -8.46 10.91
CA LYS A 251 16.34 -9.45 10.52
C LYS A 251 17.59 -8.79 9.94
N ASN A 252 18.11 -9.36 8.86
CA ASN A 252 19.40 -8.93 8.36
C ASN A 252 19.15 -7.85 7.32
N ARG A 253 18.49 -6.71 7.75
CA ARG A 253 18.18 -5.69 6.77
C ARG A 253 18.49 -4.28 7.24
N GLN A 254 18.90 -3.44 6.26
CA GLN A 254 19.15 -2.03 6.46
C GLN A 254 18.05 -1.22 5.79
N ILE A 255 17.51 -0.28 6.56
CA ILE A 255 16.62 0.72 5.98
C ILE A 255 17.44 1.97 5.66
N LYS A 256 17.35 2.43 4.41
CA LYS A 256 18.15 3.58 3.98
C LYS A 256 17.25 4.79 3.76
N ALA A 257 17.78 5.98 4.07
CA ALA A 257 17.03 7.23 3.94
C ALA A 257 17.59 7.97 2.73
N SER A 258 16.69 8.62 1.97
CA SER A 258 17.09 9.39 0.80
C SER A 258 17.47 10.82 1.20
N PHE A 259 17.34 11.14 2.46
CA PHE A 259 17.44 12.51 2.93
C PHE A 259 18.24 12.59 4.22
N LYS A 260 18.78 13.80 4.43
CA LYS A 260 19.16 14.53 5.64
C LYS A 260 20.62 14.26 5.94
ZN ZN B . -0.82 -3.00 0.92
C13 A1IEN C . -0.95 -9.16 -3.81
C20 A1IEN C . -4.92 -5.97 0.28
C12 A1IEN C . -0.86 -7.88 -4.71
C16 A1IEN C . -0.05 -12.12 -6.15
O22 A1IEN C . -4.54 -5.61 1.49
C23 A1IEN C . -5.54 -5.47 2.52
O21 A1IEN C . -6.11 -6.18 -0.04
C2 A1IEN C . -3.81 -6.02 -0.66
C3 A1IEN C . -4.13 -6.51 -1.96
C4 A1IEN C . -3.00 -6.58 -2.82
C5 A1IEN C . -1.64 -6.32 -2.46
C6 A1IEN C . -1.39 -5.88 -1.13
S7 A1IEN C . 0.22 -5.49 -0.65
O9 A1IEN C . 0.75 -4.61 -1.66
N10 A1IEN C . -0.06 -4.72 0.73
O8 A1IEN C . 1.00 -6.75 -0.40
C1 A1IEN C . -2.52 -5.84 -0.28
S11 A1IEN C . -0.35 -6.45 -3.71
C14 A1IEN C . -1.04 -10.46 -4.63
C18 A1IEN C . -2.25 -11.12 -4.68
C19 A1IEN C . -2.34 -12.28 -5.47
C17 A1IEN C . -1.26 -12.79 -6.25
C15 A1IEN C . 0.02 -10.92 -5.40
S DMS D . -4.88 -5.97 12.50
O DMS D . -5.64 -5.77 13.87
C1 DMS D . -5.48 -7.53 11.94
C2 DMS D . -3.29 -6.45 12.95
#